data_4BRZ
#
_entry.id   4BRZ
#
_cell.length_a   54.970
_cell.length_b   75.520
_cell.length_c   64.870
_cell.angle_alpha   90.00
_cell.angle_beta   92.94
_cell.angle_gamma   90.00
#
_symmetry.space_group_name_H-M   'P 1 21 1'
#
loop_
_entity.id
_entity.type
_entity.pdbx_description
1 polymer 'HALOALKANE DEHALOGENASE'
2 non-polymer 'CHLORIDE ION'
3 water water
#
_entity_poly.entity_id   1
_entity_poly.type   'polypeptide(L)'
_entity_poly.pdbx_seq_one_letter_code
;TSFRDKKKFATVHGKQMAYIEEGTGDPIVFLHGNPMSSYLWRNIMPHLAGKGRLIAPDLIGMGDSDKLDNSGPDSYTFAE
HCTYLFALLEQLGVTENVTLVIHDWGSGLGFHWAHTHSDAVKGIAFMEAIVETRESWDAFPERAREMFQALRSPAGEEMV
LEKNLFVEALVPGSILRDLTEEEMNEYRRPFANAGEDRRPTLTFPRQVPIEGQPKDVTELVDAYVDWLGQTSIPKLFINA
DPGVLITGEVRDRVRSWPNLTEVTVAGLHFIQEDSPDEIGAAVRDWHASL
;
_entity_poly.pdbx_strand_id   A,B
#
loop_
_chem_comp.id
_chem_comp.type
_chem_comp.name
_chem_comp.formula
CL non-polymer 'CHLORIDE ION' 'Cl -1'
#
# COMPACT_ATOMS: atom_id res chain seq x y z
N THR A 1 -0.11 18.70 -19.67
CA THR A 1 0.65 17.98 -20.75
C THR A 1 1.97 18.68 -21.09
N SER A 2 2.26 19.78 -20.40
CA SER A 2 3.47 20.57 -20.63
C SER A 2 4.77 19.78 -20.40
N PHE A 3 4.68 18.73 -19.57
CA PHE A 3 5.81 17.81 -19.39
C PHE A 3 6.01 16.91 -20.61
N ARG A 4 4.93 16.28 -21.08
CA ARG A 4 4.99 15.39 -22.25
C ARG A 4 5.36 16.13 -23.56
N ASP A 5 4.93 17.38 -23.65
CA ASP A 5 5.26 18.25 -24.77
C ASP A 5 6.76 18.52 -24.82
N LYS A 6 7.43 18.27 -23.70
CA LYS A 6 8.88 18.50 -23.60
C LYS A 6 9.70 17.35 -24.18
N LYS A 7 9.09 16.17 -24.33
CA LYS A 7 9.83 14.99 -24.79
C LYS A 7 10.32 15.10 -26.22
N LYS A 8 11.56 14.70 -26.42
CA LYS A 8 12.18 14.58 -27.74
C LYS A 8 12.12 13.11 -28.12
N PHE A 9 12.27 12.81 -29.41
CA PHE A 9 12.22 11.42 -29.86
C PHE A 9 13.48 11.02 -30.64
N ALA A 10 13.84 9.75 -30.53
CA ALA A 10 14.93 9.19 -31.32
C ALA A 10 14.52 7.82 -31.87
N THR A 11 14.98 7.49 -33.07
CA THR A 11 14.72 6.18 -33.65
C THR A 11 15.81 5.22 -33.19
N VAL A 12 15.39 4.15 -32.54
CA VAL A 12 16.30 3.15 -31.96
C VAL A 12 15.81 1.77 -32.38
N HIS A 13 16.64 1.05 -33.13
CA HIS A 13 16.21 -0.23 -33.75
C HIS A 13 14.85 -0.09 -34.48
N GLY A 14 14.69 1.03 -35.17
CA GLY A 14 13.49 1.28 -35.96
C GLY A 14 12.31 1.81 -35.16
N LYS A 15 12.49 1.90 -33.83
CA LYS A 15 11.45 2.30 -32.90
C LYS A 15 11.67 3.70 -32.32
N GLN A 16 10.58 4.45 -32.16
CA GLN A 16 10.62 5.75 -31.49
C GLN A 16 10.76 5.60 -29.98
N MET A 17 11.80 6.21 -29.43
CA MET A 17 12.00 6.27 -27.98
C MET A 17 11.94 7.72 -27.55
N ALA A 18 11.08 7.98 -26.56
CA ALA A 18 10.89 9.32 -26.02
C ALA A 18 11.84 9.57 -24.86
N TYR A 19 12.24 10.83 -24.70
CA TYR A 19 13.11 11.23 -23.60
C TYR A 19 13.04 12.73 -23.31
N ILE A 20 13.15 13.08 -22.03
CA ILE A 20 13.40 14.45 -21.59
C ILE A 20 14.90 14.75 -21.74
N GLU A 21 15.24 15.93 -22.26
CA GLU A 21 16.62 16.36 -22.32
C GLU A 21 16.69 17.85 -22.09
N GLU A 22 17.36 18.25 -21.01
CA GLU A 22 17.45 19.65 -20.65
CA GLU A 22 17.46 19.65 -20.64
C GLU A 22 18.88 20.03 -20.27
N GLY A 23 19.38 21.10 -20.88
CA GLY A 23 20.68 21.65 -20.53
C GLY A 23 21.87 21.04 -21.25
N THR A 24 23.05 21.52 -20.91
CA THR A 24 24.28 21.00 -21.51
C THR A 24 25.27 20.59 -20.43
N GLY A 25 26.28 19.84 -20.83
CA GLY A 25 27.36 19.44 -19.94
C GLY A 25 27.42 17.93 -19.84
N ASP A 26 28.10 17.45 -18.80
CA ASP A 26 28.22 16.00 -18.57
C ASP A 26 26.82 15.47 -18.29
N PRO A 27 26.49 14.26 -18.80
CA PRO A 27 25.12 13.74 -18.71
C PRO A 27 24.73 13.36 -17.29
N ILE A 28 23.51 13.74 -16.90
CA ILE A 28 22.89 13.22 -15.67
C ILE A 28 21.64 12.47 -16.11
N VAL A 29 21.69 11.15 -16.00
CA VAL A 29 20.69 10.28 -16.60
C VAL A 29 19.79 9.68 -15.52
N PHE A 30 18.50 9.97 -15.63
CA PHE A 30 17.49 9.53 -14.68
C PHE A 30 16.72 8.34 -15.28
N LEU A 31 16.82 7.18 -14.65
CA LEU A 31 16.21 5.97 -15.18
C LEU A 31 15.06 5.46 -14.29
N HIS A 32 13.86 5.51 -14.84
CA HIS A 32 12.66 4.96 -14.19
C HIS A 32 12.58 3.44 -14.32
N GLY A 33 11.70 2.83 -13.54
CA GLY A 33 11.38 1.42 -13.66
C GLY A 33 9.91 1.11 -13.93
N ASN A 34 9.46 0.00 -13.37
CA ASN A 34 8.14 -0.52 -13.63
C ASN A 34 7.12 -0.03 -12.59
N PRO A 35 5.91 0.36 -13.04
CA PRO A 35 5.36 0.51 -14.38
C PRO A 35 5.33 2.00 -14.74
N MET A 36 6.45 2.66 -14.56
CA MET A 36 6.46 4.13 -14.61
C MET A 36 7.03 4.71 -15.90
N SER A 37 7.47 5.97 -15.87
CA SER A 37 8.08 6.65 -17.01
C SER A 37 8.89 7.85 -16.52
N SER A 38 9.45 8.62 -17.45
CA SER A 38 10.25 9.79 -17.11
C SER A 38 9.51 10.79 -16.22
N TYR A 39 8.16 10.70 -16.25
CA TYR A 39 7.28 11.55 -15.44
C TYR A 39 7.60 11.43 -13.95
N LEU A 40 7.97 10.23 -13.53
CA LEU A 40 8.40 9.99 -12.15
C LEU A 40 9.49 10.95 -11.66
N TRP A 41 10.33 11.48 -12.57
CA TRP A 41 11.45 12.34 -12.19
C TRP A 41 11.15 13.83 -12.26
N ARG A 42 9.93 14.19 -12.61
CA ARG A 42 9.62 15.58 -12.98
C ARG A 42 9.91 16.59 -11.87
N ASN A 43 9.70 16.20 -10.61
CA ASN A 43 9.91 17.10 -9.49
C ASN A 43 11.33 17.03 -8.90
N ILE A 44 12.14 16.10 -9.42
CA ILE A 44 13.52 15.92 -8.96
C ILE A 44 14.53 16.62 -9.89
N MET A 45 14.30 16.51 -11.19
CA MET A 45 15.18 17.10 -12.19
C MET A 45 15.48 18.61 -12.00
N PRO A 46 14.48 19.42 -11.59
CA PRO A 46 14.82 20.86 -11.45
C PRO A 46 15.91 21.15 -10.42
N HIS A 47 16.16 20.20 -9.51
CA HIS A 47 17.19 20.36 -8.51
C HIS A 47 18.59 20.21 -9.11
N LEU A 48 18.67 19.72 -10.35
CA LEU A 48 19.94 19.51 -11.06
C LEU A 48 20.05 20.41 -12.27
N ALA A 49 19.08 21.29 -12.46
CA ALA A 49 19.12 22.19 -13.61
C ALA A 49 20.39 23.05 -13.58
N GLY A 50 21.10 23.08 -14.71
CA GLY A 50 22.35 23.85 -14.81
C GLY A 50 23.57 23.13 -14.27
N LYS A 51 23.38 21.87 -13.84
CA LYS A 51 24.47 21.06 -13.31
C LYS A 51 25.00 20.06 -14.32
N GLY A 52 24.31 19.94 -15.44
CA GLY A 52 24.72 19.02 -16.50
C GLY A 52 23.61 18.82 -17.50
N ARG A 53 23.86 17.94 -18.47
CA ARG A 53 22.84 17.58 -19.45
CA ARG A 53 22.87 17.57 -19.46
C ARG A 53 21.90 16.55 -18.85
N LEU A 54 20.68 17.00 -18.54
CA LEU A 54 19.69 16.12 -17.92
C LEU A 54 18.92 15.28 -18.92
N ILE A 55 18.92 13.96 -18.71
CA ILE A 55 18.28 13.04 -19.63
C ILE A 55 17.44 12.05 -18.86
N ALA A 56 16.15 12.01 -19.17
CA ALA A 56 15.23 11.05 -18.61
C ALA A 56 14.48 10.28 -19.72
N PRO A 57 14.97 9.07 -20.07
CA PRO A 57 14.34 8.33 -21.16
C PRO A 57 13.10 7.58 -20.72
N ASP A 58 12.15 7.39 -21.64
CA ASP A 58 11.07 6.42 -21.41
C ASP A 58 11.54 5.10 -21.98
N LEU A 59 11.51 4.05 -21.15
CA LEU A 59 11.91 2.73 -21.61
C LEU A 59 11.01 2.27 -22.76
N ILE A 60 11.53 1.35 -23.58
CA ILE A 60 10.74 0.84 -24.72
C ILE A 60 9.41 0.26 -24.20
N GLY A 61 8.33 0.60 -24.89
CA GLY A 61 6.98 0.14 -24.55
C GLY A 61 6.37 0.88 -23.37
N MET A 62 7.02 1.96 -22.95
CA MET A 62 6.62 2.67 -21.74
C MET A 62 6.62 4.18 -21.98
N GLY A 63 5.90 4.94 -21.15
CA GLY A 63 5.79 6.38 -21.33
C GLY A 63 5.29 6.68 -22.74
N ASP A 64 6.04 7.50 -23.47
CA ASP A 64 5.72 7.83 -24.85
C ASP A 64 6.59 7.12 -25.88
N SER A 65 7.36 6.13 -25.44
CA SER A 65 8.10 5.29 -26.38
C SER A 65 7.17 4.31 -27.08
N ASP A 66 7.53 3.90 -28.29
CA ASP A 66 6.76 2.94 -29.06
C ASP A 66 6.60 1.61 -28.35
N LYS A 67 5.51 0.92 -28.67
CA LYS A 67 5.32 -0.48 -28.34
C LYS A 67 6.06 -1.33 -29.37
N LEU A 68 6.50 -2.51 -28.95
CA LEU A 68 7.18 -3.45 -29.83
C LEU A 68 6.16 -4.20 -30.71
N ASP A 69 6.62 -4.62 -31.89
CA ASP A 69 5.80 -5.44 -32.79
C ASP A 69 5.66 -6.85 -32.25
N ASN A 70 4.52 -7.47 -32.53
CA ASN A 70 4.25 -8.87 -32.18
C ASN A 70 4.59 -9.18 -30.72
N SER A 71 4.14 -8.30 -29.84
CA SER A 71 4.41 -8.42 -28.41
C SER A 71 3.78 -9.68 -27.84
N GLY A 72 4.54 -10.37 -26.98
CA GLY A 72 4.07 -11.57 -26.32
C GLY A 72 4.93 -11.91 -25.12
N PRO A 73 4.78 -13.14 -24.58
CA PRO A 73 5.48 -13.64 -23.40
C PRO A 73 7.00 -13.43 -23.39
N ASP A 74 7.63 -13.32 -24.56
CA ASP A 74 9.09 -13.18 -24.63
C ASP A 74 9.55 -11.75 -24.83
N SER A 75 8.62 -10.82 -24.96
CA SER A 75 8.95 -9.42 -25.20
C SER A 75 9.19 -8.67 -23.90
N TYR A 76 9.99 -7.61 -24.01
CA TYR A 76 10.24 -6.66 -22.93
C TYR A 76 10.99 -7.27 -21.74
N THR A 77 11.81 -8.28 -22.01
CA THR A 77 12.74 -8.81 -21.01
C THR A 77 13.79 -7.75 -20.67
N PHE A 78 14.55 -8.01 -19.60
CA PHE A 78 15.63 -7.10 -19.22
C PHE A 78 16.62 -6.93 -20.38
N ALA A 79 16.95 -8.05 -21.02
CA ALA A 79 17.89 -8.06 -22.14
C ALA A 79 17.40 -7.15 -23.26
N GLU A 80 16.12 -7.28 -23.58
CA GLU A 80 15.51 -6.41 -24.58
C GLU A 80 15.54 -4.93 -24.20
N HIS A 81 15.26 -4.63 -22.93
CA HIS A 81 15.33 -3.23 -22.47
C HIS A 81 16.72 -2.66 -22.59
N CYS A 82 17.72 -3.47 -22.27
CA CYS A 82 19.13 -3.08 -22.48
C CYS A 82 19.38 -2.76 -23.95
N THR A 83 19.01 -3.69 -24.83
CA THR A 83 19.18 -3.49 -26.27
C THR A 83 18.70 -2.10 -26.69
N TYR A 84 17.49 -1.73 -26.28
CA TYR A 84 16.93 -0.42 -26.65
C TYR A 84 17.55 0.76 -25.90
N LEU A 85 17.57 0.68 -24.56
CA LEU A 85 18.13 1.78 -23.78
C LEU A 85 19.62 2.04 -24.05
N PHE A 86 20.42 0.97 -24.09
CA PHE A 86 21.85 1.13 -24.29
C PHE A 86 22.14 1.75 -25.65
N ALA A 87 21.41 1.33 -26.67
CA ALA A 87 21.49 1.96 -27.99
C ALA A 87 21.07 3.43 -27.93
N LEU A 88 19.97 3.73 -27.24
CA LEU A 88 19.58 5.13 -27.07
C LEU A 88 20.70 5.97 -26.44
N LEU A 89 21.33 5.47 -25.38
CA LEU A 89 22.37 6.21 -24.70
C LEU A 89 23.58 6.41 -25.59
N GLU A 90 23.93 5.39 -26.38
CA GLU A 90 25.05 5.57 -27.31
C GLU A 90 24.69 6.61 -28.37
N GLN A 91 23.44 6.57 -28.85
CA GLN A 91 22.99 7.49 -29.91
C GLN A 91 22.85 8.91 -29.40
N LEU A 92 22.64 9.06 -28.11
CA LEU A 92 22.60 10.39 -27.49
C LEU A 92 23.98 10.91 -27.08
N GLY A 93 25.02 10.09 -27.27
CA GLY A 93 26.38 10.48 -26.90
C GLY A 93 26.62 10.49 -25.40
N VAL A 94 25.94 9.58 -24.71
CA VAL A 94 26.17 9.40 -23.28
C VAL A 94 27.25 8.34 -23.14
N THR A 95 28.49 8.79 -23.09
CA THR A 95 29.65 7.90 -23.21
C THR A 95 30.76 8.20 -22.21
N GLU A 96 30.71 9.37 -21.57
CA GLU A 96 31.71 9.74 -20.57
C GLU A 96 31.16 10.63 -19.46
N ASN A 97 31.82 10.58 -18.29
CA ASN A 97 31.50 11.45 -17.15
C ASN A 97 30.02 11.41 -16.75
N VAL A 98 29.44 10.21 -16.77
CA VAL A 98 28.00 10.03 -16.60
C VAL A 98 27.62 9.91 -15.12
N THR A 99 26.64 10.70 -14.70
CA THR A 99 26.04 10.55 -13.39
C THR A 99 24.70 9.85 -13.62
N LEU A 100 24.49 8.76 -12.89
CA LEU A 100 23.25 8.00 -12.97
C LEU A 100 22.37 8.22 -11.73
N VAL A 101 21.08 8.34 -11.98
CA VAL A 101 20.08 8.52 -10.92
C VAL A 101 19.00 7.50 -11.23
N ILE A 102 18.93 6.44 -10.44
CA ILE A 102 18.26 5.23 -10.85
C ILE A 102 17.34 4.64 -9.79
N HIS A 103 16.31 3.92 -10.26
CA HIS A 103 15.25 3.38 -9.41
C HIS A 103 14.67 2.11 -10.03
N ASP A 104 14.40 1.09 -9.21
CA ASP A 104 13.60 -0.08 -9.62
C ASP A 104 14.33 -0.75 -10.81
N TRP A 105 13.61 -1.13 -11.87
CA TRP A 105 14.28 -1.64 -13.06
C TRP A 105 15.22 -0.66 -13.77
N GLY A 106 14.99 0.64 -13.59
CA GLY A 106 15.96 1.67 -13.97
C GLY A 106 17.33 1.45 -13.35
N SER A 107 17.34 0.95 -12.11
CA SER A 107 18.57 0.66 -11.41
C SER A 107 19.20 -0.64 -11.92
N GLY A 108 18.38 -1.63 -12.28
CA GLY A 108 18.90 -2.86 -12.91
C GLY A 108 19.65 -2.50 -14.19
N LEU A 109 19.01 -1.68 -15.02
CA LEU A 109 19.62 -1.19 -16.25
C LEU A 109 20.82 -0.28 -16.00
N GLY A 110 20.66 0.66 -15.06
CA GLY A 110 21.74 1.60 -14.75
C GLY A 110 22.98 0.97 -14.15
N PHE A 111 22.76 0.04 -13.22
CA PHE A 111 23.85 -0.68 -12.57
C PHE A 111 24.57 -1.55 -13.61
N HIS A 112 23.80 -2.23 -14.46
CA HIS A 112 24.39 -3.06 -15.51
C HIS A 112 25.18 -2.19 -16.48
N TRP A 113 24.58 -1.08 -16.92
CA TRP A 113 25.27 -0.11 -17.80
C TRP A 113 26.59 0.37 -17.21
N ALA A 114 26.55 0.77 -15.94
CA ALA A 114 27.75 1.21 -15.24
C ALA A 114 28.81 0.12 -15.17
N HIS A 115 28.39 -1.10 -14.81
CA HIS A 115 29.32 -2.23 -14.69
C HIS A 115 30.01 -2.49 -16.01
N THR A 116 29.24 -2.39 -17.09
CA THR A 116 29.76 -2.65 -18.45
C THR A 116 30.38 -1.43 -19.13
N HIS A 117 30.33 -0.28 -18.46
CA HIS A 117 30.93 0.97 -18.94
C HIS A 117 31.62 1.69 -17.78
N SER A 118 32.41 0.93 -17.01
CA SER A 118 32.92 1.42 -15.73
C SER A 118 33.80 2.68 -15.79
N ASP A 119 34.49 2.88 -16.91
CA ASP A 119 35.34 4.07 -17.10
C ASP A 119 34.54 5.30 -17.51
N ALA A 120 33.23 5.14 -17.73
CA ALA A 120 32.37 6.24 -18.20
C ALA A 120 31.56 6.89 -17.09
N VAL A 121 31.69 6.36 -15.88
CA VAL A 121 30.75 6.71 -14.81
C VAL A 121 31.36 7.63 -13.74
N LYS A 122 30.74 8.78 -13.54
CA LYS A 122 31.16 9.78 -12.54
C LYS A 122 30.58 9.50 -11.13
N GLY A 123 29.37 8.98 -11.10
CA GLY A 123 28.70 8.70 -9.83
C GLY A 123 27.40 7.93 -10.05
N ILE A 124 26.95 7.21 -9.03
CA ILE A 124 25.66 6.53 -9.14
CA ILE A 124 25.71 6.45 -9.10
C ILE A 124 24.82 6.80 -7.90
N ALA A 125 23.68 7.44 -8.15
CA ALA A 125 22.68 7.70 -7.10
C ALA A 125 21.55 6.74 -7.36
N PHE A 126 21.15 6.01 -6.31
CA PHE A 126 20.14 4.98 -6.45
C PHE A 126 19.20 4.95 -5.26
N MET A 127 18.01 4.42 -5.52
CA MET A 127 16.95 4.34 -4.52
C MET A 127 16.04 3.17 -4.86
N GLU A 128 15.58 2.48 -3.83
CA GLU A 128 14.58 1.41 -4.01
C GLU A 128 14.91 0.59 -5.26
N ALA A 129 16.13 0.05 -5.21
CA ALA A 129 16.85 -0.43 -6.37
C ALA A 129 17.05 -1.95 -6.30
N ILE A 130 17.47 -2.53 -7.42
CA ILE A 130 17.79 -3.96 -7.51
C ILE A 130 19.25 -4.14 -7.13
N VAL A 131 19.47 -4.56 -5.89
CA VAL A 131 20.81 -4.58 -5.32
C VAL A 131 21.20 -5.97 -4.86
N GLU A 132 20.38 -6.96 -5.24
CA GLU A 132 20.62 -8.35 -4.83
C GLU A 132 19.82 -9.28 -5.72
N THR A 133 20.26 -10.53 -5.78
CA THR A 133 19.40 -11.59 -6.26
C THR A 133 18.84 -12.22 -5.00
N ARG A 134 17.69 -12.86 -5.11
CA ARG A 134 17.08 -13.51 -3.96
CA ARG A 134 17.07 -13.52 -3.97
C ARG A 134 17.17 -15.03 -4.08
N GLU A 135 17.63 -15.66 -3.00
CA GLU A 135 17.80 -17.10 -2.99
CA GLU A 135 17.83 -17.10 -2.92
C GLU A 135 16.49 -17.83 -2.71
N SER A 136 15.56 -17.14 -2.07
CA SER A 136 14.25 -17.71 -1.79
C SER A 136 13.17 -16.62 -1.76
N TRP A 137 11.93 -17.02 -1.95
CA TRP A 137 10.78 -16.10 -1.91
C TRP A 137 10.56 -15.44 -0.55
N ASP A 138 11.14 -16.02 0.49
CA ASP A 138 10.98 -15.53 1.86
CA ASP A 138 10.94 -15.50 1.85
C ASP A 138 11.65 -14.16 2.04
N ALA A 139 12.60 -13.86 1.16
CA ALA A 139 13.31 -12.59 1.18
C ALA A 139 12.68 -11.53 0.26
N PHE A 140 11.53 -11.87 -0.33
CA PHE A 140 10.83 -10.92 -1.19
C PHE A 140 9.78 -10.24 -0.31
N PRO A 141 9.66 -8.89 -0.39
CA PRO A 141 8.70 -8.19 0.49
C PRO A 141 7.26 -8.75 0.47
N GLU A 142 6.71 -8.99 1.66
CA GLU A 142 5.36 -9.54 1.82
C GLU A 142 4.30 -8.65 1.17
N ARG A 143 4.53 -7.34 1.17
CA ARG A 143 3.64 -6.36 0.52
C ARG A 143 3.13 -6.78 -0.85
N ALA A 144 4.00 -7.39 -1.67
CA ALA A 144 3.58 -7.80 -3.02
C ALA A 144 4.04 -9.22 -3.37
N ARG A 145 4.29 -10.04 -2.35
CA ARG A 145 4.86 -11.38 -2.56
C ARG A 145 3.87 -12.24 -3.32
N GLU A 146 2.65 -12.36 -2.80
CA GLU A 146 1.64 -13.16 -3.49
C GLU A 146 1.33 -12.62 -4.88
N MET A 147 1.21 -11.29 -4.99
CA MET A 147 0.98 -10.64 -6.28
CA MET A 147 0.97 -10.66 -6.28
C MET A 147 2.07 -11.01 -7.28
N PHE A 148 3.34 -10.94 -6.85
CA PHE A 148 4.47 -11.28 -7.74
C PHE A 148 4.49 -12.76 -8.11
N GLN A 149 4.19 -13.60 -7.14
CA GLN A 149 4.09 -15.04 -7.39
C GLN A 149 3.00 -15.33 -8.40
N ALA A 150 1.85 -14.68 -8.25
CA ALA A 150 0.75 -14.83 -9.19
C ALA A 150 1.14 -14.31 -10.57
N LEU A 151 1.80 -13.15 -10.61
CA LEU A 151 2.22 -12.55 -11.88
C LEU A 151 3.18 -13.43 -12.68
N ARG A 152 4.02 -14.18 -11.97
CA ARG A 152 5.03 -15.01 -12.59
C ARG A 152 4.47 -16.34 -13.06
N SER A 153 3.26 -16.66 -12.59
CA SER A 153 2.53 -17.85 -13.00
C SER A 153 1.80 -17.54 -14.32
N PRO A 154 1.18 -18.57 -14.94
CA PRO A 154 0.36 -18.29 -16.12
C PRO A 154 -0.82 -17.33 -15.86
N ALA A 155 -1.17 -17.12 -14.59
CA ALA A 155 -2.21 -16.15 -14.21
C ALA A 155 -1.81 -14.69 -14.53
N GLY A 156 -0.51 -14.46 -14.74
CA GLY A 156 0.01 -13.12 -15.02
C GLY A 156 -0.70 -12.36 -16.14
N GLU A 157 -0.96 -13.02 -17.27
CA GLU A 157 -1.58 -12.37 -18.44
C GLU A 157 -2.95 -11.78 -18.15
N GLU A 158 -3.78 -12.55 -17.45
CA GLU A 158 -5.09 -12.10 -17.03
CA GLU A 158 -5.10 -12.11 -17.02
C GLU A 158 -4.99 -10.90 -16.09
N MET A 159 -4.15 -11.02 -15.06
CA MET A 159 -3.95 -9.94 -14.09
C MET A 159 -3.52 -8.63 -14.73
N VAL A 160 -2.55 -8.68 -15.64
CA VAL A 160 -1.98 -7.46 -16.23
C VAL A 160 -2.61 -7.03 -17.57
N LEU A 161 -2.55 -7.89 -18.60
CA LEU A 161 -3.06 -7.51 -19.93
C LEU A 161 -4.55 -7.11 -19.90
N GLU A 162 -5.34 -7.84 -19.11
CA GLU A 162 -6.77 -7.57 -18.96
C GLU A 162 -7.09 -6.59 -17.84
N LYS A 163 -6.61 -6.89 -16.63
CA LYS A 163 -6.99 -6.10 -15.44
C LYS A 163 -6.02 -4.96 -15.07
N ASN A 164 -4.85 -4.91 -15.70
CA ASN A 164 -3.87 -3.83 -15.48
C ASN A 164 -3.48 -3.64 -13.99
N LEU A 165 -3.33 -4.76 -13.29
CA LEU A 165 -3.15 -4.79 -11.84
C LEU A 165 -1.84 -4.17 -11.32
N PHE A 166 -0.76 -4.25 -12.09
CA PHE A 166 0.49 -3.62 -11.63
C PHE A 166 0.30 -2.11 -11.46
N VAL A 167 -0.25 -1.45 -12.47
CA VAL A 167 -0.56 -0.02 -12.41
C VAL A 167 -1.61 0.27 -11.33
N GLU A 168 -2.70 -0.50 -11.32
CA GLU A 168 -3.88 -0.15 -10.51
C GLU A 168 -3.76 -0.49 -9.03
N ALA A 169 -3.10 -1.60 -8.72
CA ALA A 169 -2.96 -2.04 -7.34
C ALA A 169 -1.60 -1.70 -6.76
N LEU A 170 -0.55 -1.97 -7.52
CA LEU A 170 0.79 -1.91 -6.96
C LEU A 170 1.38 -0.50 -6.87
N VAL A 171 0.95 0.41 -7.74
CA VAL A 171 1.46 1.77 -7.69
C VAL A 171 0.93 2.52 -6.45
N PRO A 172 -0.41 2.70 -6.36
CA PRO A 172 -0.90 3.44 -5.19
C PRO A 172 -0.57 2.82 -3.84
N GLY A 173 -0.47 1.49 -3.78
CA GLY A 173 -0.09 0.79 -2.55
C GLY A 173 1.33 1.07 -2.06
N SER A 174 2.17 1.65 -2.92
CA SER A 174 3.57 1.88 -2.58
CA SER A 174 3.56 1.89 -2.56
C SER A 174 3.97 3.35 -2.71
N ILE A 175 3.02 4.25 -2.47
CA ILE A 175 3.25 5.70 -2.34
C ILE A 175 2.54 6.04 -1.02
N LEU A 176 3.19 6.87 -0.19
CA LEU A 176 2.65 7.27 1.13
C LEU A 176 1.42 8.15 0.97
N ARG A 177 1.57 9.19 0.17
CA ARG A 177 0.46 10.11 -0.10
C ARG A 177 -0.56 9.56 -1.10
N ASP A 178 -1.66 10.29 -1.27
CA ASP A 178 -2.60 10.05 -2.35
CA ASP A 178 -2.60 10.05 -2.36
C ASP A 178 -2.10 10.81 -3.59
N LEU A 179 -2.03 10.13 -4.73
CA LEU A 179 -1.74 10.84 -5.97
C LEU A 179 -2.98 11.62 -6.38
N THR A 180 -2.83 12.67 -7.18
CA THR A 180 -4.02 13.30 -7.78
C THR A 180 -4.51 12.40 -8.92
N GLU A 181 -5.77 12.58 -9.32
CA GLU A 181 -6.30 11.82 -10.45
C GLU A 181 -5.47 12.10 -11.71
N GLU A 182 -5.00 13.34 -11.83
CA GLU A 182 -4.12 13.77 -12.92
C GLU A 182 -2.79 12.97 -12.98
N GLU A 183 -2.12 12.87 -11.82
CA GLU A 183 -0.87 12.11 -11.73
C GLU A 183 -1.09 10.62 -12.02
N MET A 184 -2.13 10.04 -11.45
CA MET A 184 -2.44 8.64 -11.67
C MET A 184 -2.79 8.37 -13.14
N ASN A 185 -3.44 9.34 -13.78
CA ASN A 185 -3.80 9.22 -15.20
C ASN A 185 -2.58 9.19 -16.11
N GLU A 186 -1.56 9.96 -15.78
CA GLU A 186 -0.32 9.95 -16.53
C GLU A 186 0.39 8.59 -16.43
N TYR A 187 0.33 7.96 -15.26
CA TYR A 187 0.88 6.61 -15.13
C TYR A 187 0.01 5.56 -15.82
N ARG A 188 -1.31 5.80 -15.85
CA ARG A 188 -2.24 4.95 -16.59
C ARG A 188 -2.05 5.04 -18.10
N ARG A 189 -1.75 6.24 -18.61
CA ARG A 189 -1.80 6.57 -20.03
C ARG A 189 -1.13 5.57 -21.01
N PRO A 190 0.15 5.21 -20.78
CA PRO A 190 0.83 4.29 -21.71
C PRO A 190 0.19 2.91 -21.73
N PHE A 191 -0.68 2.63 -20.75
CA PHE A 191 -1.25 1.30 -20.52
C PHE A 191 -2.78 1.32 -20.49
N ALA A 192 -3.36 2.35 -21.09
CA ALA A 192 -4.82 2.50 -21.15
C ALA A 192 -5.49 1.35 -21.91
N ASN A 193 -4.86 0.86 -22.97
CA ASN A 193 -5.41 -0.23 -23.76
C ASN A 193 -5.11 -1.60 -23.17
N ALA A 194 -6.16 -2.42 -23.03
CA ALA A 194 -6.00 -3.81 -22.63
C ALA A 194 -5.25 -4.58 -23.71
N GLY A 195 -4.59 -5.67 -23.31
CA GLY A 195 -3.79 -6.46 -24.23
C GLY A 195 -2.32 -6.13 -24.11
N GLU A 196 -1.60 -6.31 -25.21
CA GLU A 196 -0.15 -6.29 -25.23
C GLU A 196 0.51 -4.93 -24.90
N ASP A 197 -0.25 -3.84 -24.98
CA ASP A 197 0.28 -2.53 -24.56
C ASP A 197 0.76 -2.57 -23.11
N ARG A 198 0.22 -3.52 -22.34
CA ARG A 198 0.53 -3.67 -20.90
C ARG A 198 1.60 -4.71 -20.61
N ARG A 199 2.07 -5.42 -21.64
CA ARG A 199 3.12 -6.44 -21.48
C ARG A 199 4.40 -6.02 -20.72
N PRO A 200 4.93 -4.79 -20.95
CA PRO A 200 6.13 -4.43 -20.18
C PRO A 200 5.91 -4.50 -18.66
N THR A 201 4.68 -4.24 -18.20
CA THR A 201 4.38 -4.28 -16.77
C THR A 201 4.23 -5.70 -16.24
N LEU A 202 4.17 -6.68 -17.15
CA LEU A 202 4.07 -8.09 -16.79
CA LEU A 202 4.08 -8.09 -16.77
C LEU A 202 5.44 -8.78 -16.89
N THR A 203 6.19 -8.49 -17.95
CA THR A 203 7.48 -9.14 -18.12
C THR A 203 8.46 -8.67 -17.03
N PHE A 204 8.41 -7.41 -16.64
CA PHE A 204 9.25 -6.95 -15.54
C PHE A 204 9.18 -7.82 -14.27
N PRO A 205 7.96 -8.05 -13.69
CA PRO A 205 7.95 -8.92 -12.50
C PRO A 205 8.46 -10.33 -12.76
N ARG A 206 8.32 -10.79 -14.00
CA ARG A 206 8.80 -12.12 -14.40
C ARG A 206 10.33 -12.17 -14.56
N GLN A 207 10.98 -11.00 -14.55
CA GLN A 207 12.44 -10.89 -14.72
C GLN A 207 13.22 -10.70 -13.42
N VAL A 208 12.49 -10.46 -12.33
CA VAL A 208 13.14 -10.33 -11.02
C VAL A 208 13.88 -11.62 -10.67
N PRO A 209 15.19 -11.53 -10.38
CA PRO A 209 15.97 -12.72 -10.07
C PRO A 209 15.61 -13.33 -8.71
N ILE A 210 14.84 -14.42 -8.76
CA ILE A 210 14.43 -15.13 -7.57
C ILE A 210 14.68 -16.62 -7.80
N GLU A 211 15.36 -17.24 -6.85
CA GLU A 211 15.72 -18.67 -6.87
C GLU A 211 16.35 -19.07 -8.20
N GLY A 212 17.23 -18.21 -8.70
CA GLY A 212 17.99 -18.49 -9.93
C GLY A 212 17.26 -18.24 -11.24
N GLN A 213 15.99 -17.83 -11.17
CA GLN A 213 15.18 -17.60 -12.36
C GLN A 213 14.74 -16.15 -12.46
N PRO A 214 14.93 -15.52 -13.65
CA PRO A 214 15.59 -16.04 -14.86
C PRO A 214 17.10 -16.17 -14.66
N LYS A 215 17.71 -17.07 -15.44
CA LYS A 215 19.15 -17.35 -15.31
CA LYS A 215 19.14 -17.36 -15.32
C LYS A 215 20.01 -16.16 -15.74
N ASP A 216 19.67 -15.56 -16.88
CA ASP A 216 20.49 -14.46 -17.41
C ASP A 216 20.50 -13.26 -16.48
N VAL A 217 19.32 -12.90 -15.96
CA VAL A 217 19.23 -11.77 -15.05
C VAL A 217 19.95 -12.03 -13.73
N THR A 218 19.76 -13.24 -13.17
CA THR A 218 20.43 -13.63 -11.94
C THR A 218 21.94 -13.41 -12.09
N GLU A 219 22.49 -13.86 -13.22
CA GLU A 219 23.93 -13.79 -13.40
C GLU A 219 24.44 -12.36 -13.58
N LEU A 220 23.74 -11.55 -14.36
CA LEU A 220 24.19 -10.17 -14.56
CA LEU A 220 24.11 -10.14 -14.58
C LEU A 220 24.01 -9.33 -13.28
N VAL A 221 22.96 -9.60 -12.51
CA VAL A 221 22.76 -8.90 -11.23
C VAL A 221 23.80 -9.32 -10.19
N ASP A 222 24.05 -10.62 -10.04
CA ASP A 222 25.12 -11.08 -9.16
C ASP A 222 26.45 -10.41 -9.54
N ALA A 223 26.69 -10.32 -10.85
CA ALA A 223 27.93 -9.77 -11.38
C ALA A 223 28.07 -8.30 -11.02
N TYR A 224 27.04 -7.49 -11.30
CA TYR A 224 27.15 -6.08 -10.93
C TYR A 224 27.12 -5.81 -9.42
N VAL A 225 26.45 -6.67 -8.64
CA VAL A 225 26.45 -6.51 -7.17
C VAL A 225 27.84 -6.78 -6.62
N ASP A 226 28.50 -7.81 -7.16
CA ASP A 226 29.87 -8.12 -6.81
CA ASP A 226 29.88 -8.11 -6.82
C ASP A 226 30.78 -6.90 -7.09
N TRP A 227 30.60 -6.31 -8.26
CA TRP A 227 31.37 -5.15 -8.67
C TRP A 227 31.07 -3.90 -7.82
N LEU A 228 29.80 -3.67 -7.49
CA LEU A 228 29.42 -2.52 -6.63
C LEU A 228 30.10 -2.59 -5.30
N GLY A 229 30.32 -3.81 -4.82
CA GLY A 229 31.07 -4.01 -3.60
C GLY A 229 32.54 -3.65 -3.68
N GLN A 230 33.07 -3.52 -4.91
CA GLN A 230 34.50 -3.28 -5.10
C GLN A 230 34.83 -1.90 -5.65
N THR A 231 34.04 -1.43 -6.62
CA THR A 231 34.32 -0.17 -7.31
C THR A 231 34.39 1.09 -6.42
N SER A 232 35.38 1.95 -6.71
CA SER A 232 35.55 3.20 -6.02
C SER A 232 34.57 4.28 -6.51
N ILE A 233 33.78 4.00 -7.56
CA ILE A 233 32.85 5.03 -8.12
C ILE A 233 31.96 5.54 -6.98
N PRO A 234 31.84 6.87 -6.83
CA PRO A 234 31.01 7.42 -5.74
C PRO A 234 29.54 6.96 -5.86
N LYS A 235 28.94 6.64 -4.71
CA LYS A 235 27.57 6.13 -4.70
C LYS A 235 26.78 6.92 -3.70
N LEU A 236 25.56 7.29 -4.08
CA LEU A 236 24.62 7.92 -3.16
C LEU A 236 23.45 6.97 -3.03
N PHE A 237 23.30 6.45 -1.81
CA PHE A 237 22.21 5.56 -1.44
C PHE A 237 21.12 6.43 -0.84
N ILE A 238 20.02 6.58 -1.57
CA ILE A 238 18.84 7.25 -1.03
CA ILE A 238 18.82 7.24 -1.07
C ILE A 238 17.98 6.15 -0.43
N ASN A 239 18.05 6.08 0.89
CA ASN A 239 17.32 5.08 1.69
C ASN A 239 15.91 5.60 1.89
N ALA A 240 14.95 4.71 1.90
CA ALA A 240 13.57 5.15 2.09
C ALA A 240 13.05 4.65 3.42
N ASP A 241 12.24 5.49 4.07
CA ASP A 241 11.68 5.13 5.37
C ASP A 241 10.16 5.18 5.26
N PRO A 242 9.49 4.02 5.34
CA PRO A 242 10.04 2.71 5.73
C PRO A 242 10.69 1.92 4.58
N GLY A 243 10.43 2.31 3.34
CA GLY A 243 10.97 1.57 2.19
C GLY A 243 10.20 0.29 1.90
N VAL A 244 10.54 -0.37 0.81
CA VAL A 244 9.91 -1.64 0.42
C VAL A 244 10.95 -2.64 -0.07
N LEU A 245 11.69 -2.29 -1.12
CA LEU A 245 12.68 -3.19 -1.70
C LEU A 245 13.99 -3.25 -0.92
N ILE A 246 14.46 -2.11 -0.44
CA ILE A 246 15.69 -2.07 0.35
C ILE A 246 15.34 -1.78 1.81
N THR A 247 15.18 -2.85 2.58
CA THR A 247 14.84 -2.77 3.98
C THR A 247 15.59 -3.88 4.70
N GLY A 248 15.59 -3.85 6.03
CA GLY A 248 16.22 -4.89 6.84
C GLY A 248 17.68 -5.13 6.50
N GLU A 249 18.06 -6.40 6.38
CA GLU A 249 19.45 -6.79 6.12
C GLU A 249 19.99 -6.34 4.78
N VAL A 250 19.11 -6.08 3.82
CA VAL A 250 19.51 -5.55 2.50
C VAL A 250 20.27 -4.23 2.70
N ARG A 251 19.75 -3.39 3.60
CA ARG A 251 20.37 -2.10 3.90
C ARG A 251 21.80 -2.28 4.36
N ASP A 252 22.01 -3.27 5.22
CA ASP A 252 23.33 -3.55 5.77
C ASP A 252 24.32 -3.88 4.66
N ARG A 253 23.87 -4.67 3.68
CA ARG A 253 24.70 -5.06 2.54
CA ARG A 253 24.73 -5.04 2.57
C ARG A 253 25.07 -3.84 1.69
N VAL A 254 24.06 -3.06 1.32
CA VAL A 254 24.31 -1.84 0.54
C VAL A 254 25.26 -0.90 1.25
N ARG A 255 25.10 -0.76 2.57
CA ARG A 255 25.94 0.13 3.36
C ARG A 255 27.42 -0.27 3.41
N SER A 256 27.74 -1.49 2.99
CA SER A 256 29.11 -1.98 2.99
C SER A 256 29.86 -1.56 1.72
N TRP A 257 29.15 -0.97 0.76
CA TRP A 257 29.78 -0.61 -0.51
C TRP A 257 30.72 0.59 -0.39
N PRO A 258 31.80 0.62 -1.18
CA PRO A 258 32.79 1.68 -0.99
C PRO A 258 32.33 3.03 -1.48
N ASN A 259 32.87 4.09 -0.86
CA ASN A 259 32.58 5.47 -1.26
CA ASN A 259 32.60 5.45 -1.30
C ASN A 259 31.10 5.75 -1.37
N LEU A 260 30.39 5.36 -0.30
CA LEU A 260 28.94 5.51 -0.27
C LEU A 260 28.50 6.60 0.70
N THR A 261 27.67 7.50 0.17
CA THR A 261 27.01 8.53 0.93
C THR A 261 25.56 8.05 1.08
N GLU A 262 24.97 8.29 2.25
CA GLU A 262 23.59 7.87 2.47
C GLU A 262 22.75 9.00 3.00
N VAL A 263 21.54 9.14 2.45
CA VAL A 263 20.49 10.04 2.95
CA VAL A 263 20.52 10.02 3.00
C VAL A 263 19.21 9.23 3.06
N THR A 264 18.41 9.47 4.10
CA THR A 264 17.12 8.81 4.22
CA THR A 264 17.11 8.82 4.26
C THR A 264 15.98 9.81 3.99
N VAL A 265 15.03 9.40 3.17
CA VAL A 265 13.84 10.20 2.89
C VAL A 265 12.62 9.35 3.20
N ALA A 266 11.48 10.00 3.48
CA ALA A 266 10.23 9.25 3.61
C ALA A 266 9.76 8.63 2.30
N GLY A 267 9.31 7.38 2.37
CA GLY A 267 8.73 6.77 1.19
C GLY A 267 8.58 5.28 1.34
N LEU A 268 7.81 4.71 0.42
CA LEU A 268 7.60 3.26 0.30
C LEU A 268 8.46 2.80 -0.88
N HIS A 269 7.87 2.59 -2.06
CA HIS A 269 8.66 2.21 -3.24
C HIS A 269 8.85 3.36 -4.23
N PHE A 270 7.76 4.00 -4.63
CA PHE A 270 7.80 5.11 -5.60
C PHE A 270 8.05 6.44 -4.90
N ILE A 271 9.23 6.51 -4.31
CA ILE A 271 9.54 7.53 -3.31
C ILE A 271 9.65 8.93 -3.89
N GLN A 272 9.83 9.00 -5.22
CA GLN A 272 9.89 10.27 -5.93
C GLN A 272 8.58 11.04 -5.77
N GLU A 273 7.49 10.33 -5.55
CA GLU A 273 6.18 10.96 -5.35
C GLU A 273 5.96 11.46 -3.93
N ASP A 274 6.76 10.96 -2.99
CA ASP A 274 6.64 11.39 -1.57
C ASP A 274 7.66 12.44 -1.15
N SER A 275 8.90 12.31 -1.60
CA SER A 275 9.97 13.17 -1.14
C SER A 275 10.82 13.71 -2.30
N PRO A 276 10.17 14.25 -3.35
CA PRO A 276 10.98 14.68 -4.50
C PRO A 276 12.05 15.72 -4.18
N ASP A 277 11.73 16.69 -3.31
CA ASP A 277 12.68 17.78 -3.03
C ASP A 277 13.85 17.33 -2.17
N GLU A 278 13.58 16.45 -1.21
CA GLU A 278 14.62 15.84 -0.40
C GLU A 278 15.57 15.01 -1.25
N ILE A 279 15.00 14.25 -2.19
CA ILE A 279 15.78 13.43 -3.12
C ILE A 279 16.59 14.34 -4.04
N GLY A 280 15.92 15.32 -4.66
CA GLY A 280 16.62 16.25 -5.53
C GLY A 280 17.74 17.00 -4.83
N ALA A 281 17.51 17.47 -3.60
CA ALA A 281 18.54 18.20 -2.87
C ALA A 281 19.72 17.30 -2.52
N ALA A 282 19.42 16.08 -2.11
CA ALA A 282 20.48 15.11 -1.80
C ALA A 282 21.34 14.80 -3.03
N VAL A 283 20.71 14.61 -4.17
CA VAL A 283 21.45 14.32 -5.40
C VAL A 283 22.30 15.53 -5.77
N ARG A 284 21.71 16.72 -5.67
CA ARG A 284 22.42 17.95 -6.03
C ARG A 284 23.66 18.15 -5.17
N ASP A 285 23.51 18.01 -3.86
CA ASP A 285 24.62 18.28 -2.95
C ASP A 285 25.75 17.28 -3.13
N TRP A 286 25.37 16.01 -3.29
CA TRP A 286 26.32 14.93 -3.51
C TRP A 286 27.02 15.09 -4.85
N HIS A 287 26.26 15.43 -5.90
CA HIS A 287 26.84 15.62 -7.23
C HIS A 287 27.85 16.76 -7.22
N ALA A 288 27.55 17.81 -6.45
CA ALA A 288 28.45 18.96 -6.33
C ALA A 288 29.86 18.58 -5.85
N SER A 289 29.96 17.49 -5.07
CA SER A 289 31.23 17.05 -4.47
C SER A 289 32.03 16.08 -5.37
N LEU A 290 31.47 15.72 -6.52
CA LEU A 290 32.09 14.75 -7.41
C LEU A 290 33.18 15.38 -8.26
N THR B 1 -1.94 -19.54 16.74
CA THR B 1 -3.34 -19.93 17.14
C THR B 1 -3.57 -19.83 18.66
N SER B 2 -2.54 -19.45 19.41
CA SER B 2 -2.67 -19.23 20.86
CA SER B 2 -2.66 -19.23 20.85
C SER B 2 -3.61 -18.06 21.15
N PHE B 3 -3.69 -17.12 20.21
CA PHE B 3 -4.67 -16.04 20.26
C PHE B 3 -6.03 -16.62 19.92
N ARG B 4 -6.05 -17.38 18.83
CA ARG B 4 -7.26 -18.03 18.31
C ARG B 4 -7.85 -19.05 19.30
N ASP B 5 -6.99 -19.67 20.10
CA ASP B 5 -7.39 -20.57 21.19
C ASP B 5 -8.13 -19.85 22.30
N LYS B 6 -7.79 -18.57 22.49
CA LYS B 6 -8.37 -17.75 23.55
C LYS B 6 -9.82 -17.35 23.29
N LYS B 7 -10.28 -17.55 22.06
CA LYS B 7 -11.63 -17.16 21.67
C LYS B 7 -12.68 -18.01 22.36
N LYS B 8 -13.76 -17.35 22.77
CA LYS B 8 -14.96 -18.01 23.27
C LYS B 8 -15.97 -18.03 22.13
N PHE B 9 -17.00 -18.86 22.24
CA PHE B 9 -18.06 -18.90 21.25
C PHE B 9 -19.43 -18.71 21.88
N ALA B 10 -20.31 -18.00 21.18
CA ALA B 10 -21.68 -17.78 21.62
C ALA B 10 -22.64 -18.03 20.47
N THR B 11 -23.77 -18.64 20.77
CA THR B 11 -24.80 -18.87 19.76
C THR B 11 -25.67 -17.64 19.65
N VAL B 12 -25.72 -17.09 18.44
CA VAL B 12 -26.44 -15.85 18.18
C VAL B 12 -27.26 -16.07 16.93
N HIS B 13 -28.57 -15.97 17.08
CA HIS B 13 -29.51 -16.22 15.98
C HIS B 13 -29.20 -17.57 15.33
N GLY B 14 -28.76 -18.53 16.14
CA GLY B 14 -28.42 -19.88 15.69
C GLY B 14 -27.02 -20.05 15.10
N LYS B 15 -26.25 -18.96 15.05
CA LYS B 15 -24.89 -18.97 14.50
C LYS B 15 -23.86 -18.89 15.62
N GLN B 16 -22.79 -19.67 15.50
CA GLN B 16 -21.68 -19.57 16.44
C GLN B 16 -20.85 -18.33 16.11
N MET B 17 -20.76 -17.40 17.07
CA MET B 17 -19.95 -16.20 16.89
CA MET B 17 -19.95 -16.20 16.90
C MET B 17 -18.76 -16.22 17.84
N ALA B 18 -17.58 -15.95 17.29
CA ALA B 18 -16.35 -15.97 18.08
C ALA B 18 -16.11 -14.59 18.63
N TYR B 19 -15.49 -14.54 19.80
CA TYR B 19 -15.08 -13.27 20.38
C TYR B 19 -14.02 -13.52 21.41
N ILE B 20 -13.16 -12.52 21.57
CA ILE B 20 -12.24 -12.48 22.70
CA ILE B 20 -12.24 -12.49 22.71
C ILE B 20 -13.01 -11.87 23.86
N GLU B 21 -12.83 -12.41 25.05
CA GLU B 21 -13.37 -11.83 26.27
C GLU B 21 -12.39 -12.11 27.38
N GLU B 22 -11.82 -11.03 27.91
CA GLU B 22 -10.87 -11.12 29.01
CA GLU B 22 -10.87 -11.12 29.01
C GLU B 22 -11.20 -10.06 30.06
N GLY B 23 -11.24 -10.49 31.31
CA GLY B 23 -11.43 -9.60 32.45
C GLY B 23 -12.86 -9.28 32.82
N THR B 24 -13.01 -8.48 33.87
CA THR B 24 -14.32 -8.02 34.32
C THR B 24 -14.32 -6.50 34.41
N GLY B 25 -15.52 -5.94 34.62
CA GLY B 25 -15.68 -4.50 34.68
C GLY B 25 -16.58 -4.03 33.56
N ASP B 26 -16.65 -2.72 33.36
CA ASP B 26 -17.45 -2.16 32.28
C ASP B 26 -16.81 -2.59 30.95
N PRO B 27 -17.63 -2.85 29.92
CA PRO B 27 -17.06 -3.37 28.67
C PRO B 27 -16.22 -2.35 27.89
N ILE B 28 -15.06 -2.79 27.41
CA ILE B 28 -14.32 -2.05 26.38
C ILE B 28 -14.40 -2.91 25.13
N VAL B 29 -15.09 -2.40 24.12
CA VAL B 29 -15.50 -3.16 22.94
C VAL B 29 -14.69 -2.71 21.72
N PHE B 30 -13.94 -3.65 21.16
CA PHE B 30 -13.07 -3.41 20.01
C PHE B 30 -13.74 -3.98 18.77
N LEU B 31 -14.02 -3.11 17.80
CA LEU B 31 -14.68 -3.49 16.57
C LEU B 31 -13.83 -3.33 15.31
N HIS B 32 -13.45 -4.47 14.73
CA HIS B 32 -12.76 -4.50 13.43
C HIS B 32 -13.69 -4.19 12.23
N GLY B 33 -13.08 -3.91 11.09
CA GLY B 33 -13.79 -3.76 9.84
C GLY B 33 -13.39 -4.78 8.78
N ASN B 34 -13.41 -4.30 7.55
CA ASN B 34 -13.12 -5.13 6.38
C ASN B 34 -11.64 -5.10 6.00
N PRO B 35 -11.05 -6.25 5.64
CA PRO B 35 -11.46 -7.66 5.70
C PRO B 35 -10.82 -8.37 6.89
N MET B 36 -10.92 -7.74 8.05
CA MET B 36 -10.11 -8.15 9.17
C MET B 36 -10.93 -8.95 10.17
N SER B 37 -10.45 -9.03 11.39
CA SER B 37 -11.13 -9.76 12.44
C SER B 37 -10.60 -9.27 13.77
N SER B 38 -11.06 -9.87 14.88
CA SER B 38 -10.57 -9.50 16.21
C SER B 38 -9.04 -9.55 16.31
N TYR B 39 -8.42 -10.29 15.39
CA TYR B 39 -6.98 -10.44 15.30
C TYR B 39 -6.29 -9.07 15.13
N LEU B 40 -6.96 -8.16 14.44
CA LEU B 40 -6.45 -6.80 14.23
C LEU B 40 -6.14 -6.07 15.55
N TRP B 41 -6.83 -6.45 16.61
CA TRP B 41 -6.69 -5.82 17.94
C TRP B 41 -5.75 -6.52 18.88
N ARG B 42 -5.15 -7.62 18.43
CA ARG B 42 -4.37 -8.49 19.31
C ARG B 42 -3.26 -7.79 20.07
N ASN B 43 -2.63 -6.78 19.44
CA ASN B 43 -1.53 -6.07 20.08
C ASN B 43 -1.93 -4.77 20.78
N ILE B 44 -3.22 -4.43 20.70
CA ILE B 44 -3.75 -3.22 21.33
C ILE B 44 -4.46 -3.55 22.66
N MET B 45 -5.21 -4.63 22.65
CA MET B 45 -5.99 -5.07 23.83
CA MET B 45 -5.99 -5.08 23.83
C MET B 45 -5.18 -5.22 25.12
N PRO B 46 -3.95 -5.78 25.05
CA PRO B 46 -3.23 -5.91 26.33
C PRO B 46 -2.96 -4.60 27.06
N HIS B 47 -3.04 -3.49 26.32
CA HIS B 47 -2.88 -2.17 26.90
C HIS B 47 -4.08 -1.77 27.73
N LEU B 48 -5.19 -2.48 27.57
CA LEU B 48 -6.41 -2.21 28.38
C LEU B 48 -6.71 -3.34 29.36
N ALA B 49 -5.83 -4.33 29.46
CA ALA B 49 -6.08 -5.46 30.34
C ALA B 49 -6.23 -4.98 31.79
N GLY B 50 -7.31 -5.41 32.44
CA GLY B 50 -7.59 -4.99 33.82
C GLY B 50 -8.32 -3.67 33.97
N LYS B 51 -8.55 -2.99 32.85
CA LYS B 51 -9.25 -1.71 32.85
CA LYS B 51 -9.25 -1.70 32.84
C LYS B 51 -10.73 -1.88 32.59
N GLY B 52 -11.13 -3.11 32.28
CA GLY B 52 -12.51 -3.44 32.02
C GLY B 52 -12.65 -4.80 31.36
N ARG B 53 -13.88 -5.13 31.02
CA ARG B 53 -14.18 -6.37 30.32
CA ARG B 53 -14.20 -6.36 30.32
C ARG B 53 -13.93 -6.16 28.83
N LEU B 54 -12.84 -6.74 28.35
CA LEU B 54 -12.42 -6.52 26.97
C LEU B 54 -13.08 -7.53 26.05
N ILE B 55 -13.73 -7.00 25.04
CA ILE B 55 -14.49 -7.80 24.11
C ILE B 55 -14.15 -7.37 22.69
N ALA B 56 -13.78 -8.35 21.86
CA ALA B 56 -13.52 -8.10 20.45
C ALA B 56 -14.19 -9.20 19.65
N PRO B 57 -15.35 -8.90 19.08
CA PRO B 57 -16.06 -9.96 18.36
C PRO B 57 -15.51 -10.10 16.96
N ASP B 58 -15.53 -11.32 16.46
CA ASP B 58 -15.39 -11.57 15.03
C ASP B 58 -16.75 -11.36 14.45
N LEU B 59 -16.86 -10.41 13.54
CA LEU B 59 -18.10 -10.16 12.84
C LEU B 59 -18.61 -11.42 12.12
N ILE B 60 -19.90 -11.47 11.84
CA ILE B 60 -20.52 -12.65 11.22
C ILE B 60 -19.83 -12.98 9.89
N GLY B 61 -19.47 -14.26 9.70
CA GLY B 61 -18.77 -14.72 8.49
C GLY B 61 -17.31 -14.30 8.41
N MET B 62 -16.79 -13.79 9.52
CA MET B 62 -15.43 -13.28 9.59
CA MET B 62 -15.42 -13.32 9.57
C MET B 62 -14.70 -13.91 10.77
N GLY B 63 -13.39 -13.86 10.76
CA GLY B 63 -12.60 -14.51 11.81
C GLY B 63 -13.00 -15.96 11.98
N ASP B 64 -13.30 -16.33 13.22
CA ASP B 64 -13.72 -17.69 13.55
C ASP B 64 -15.23 -17.80 13.73
N SER B 65 -15.95 -16.76 13.32
CA SER B 65 -17.41 -16.80 13.36
C SER B 65 -17.93 -17.64 12.21
N ASP B 66 -19.11 -18.23 12.39
CA ASP B 66 -19.76 -19.01 11.34
CA ASP B 66 -19.74 -19.02 11.35
C ASP B 66 -20.07 -18.14 10.15
N LYS B 67 -20.08 -18.75 8.97
CA LYS B 67 -20.53 -18.13 7.73
C LYS B 67 -22.04 -18.31 7.65
N LEU B 68 -22.71 -17.43 6.92
CA LEU B 68 -24.16 -17.50 6.75
C LEU B 68 -24.58 -18.58 5.75
N ASP B 69 -25.75 -19.17 5.99
CA ASP B 69 -26.33 -20.15 5.07
C ASP B 69 -26.85 -19.46 3.81
N ASN B 70 -26.77 -20.18 2.69
CA ASN B 70 -27.23 -19.68 1.39
C ASN B 70 -26.72 -18.28 1.06
N SER B 71 -25.41 -18.09 1.26
CA SER B 71 -24.76 -16.80 1.06
C SER B 71 -24.88 -16.31 -0.39
N GLY B 72 -25.25 -15.04 -0.55
CA GLY B 72 -25.39 -14.46 -1.87
C GLY B 72 -25.02 -12.99 -1.93
N PRO B 73 -25.30 -12.33 -3.08
CA PRO B 73 -25.02 -10.90 -3.29
C PRO B 73 -25.67 -9.99 -2.25
N ASP B 74 -26.75 -10.44 -1.64
CA ASP B 74 -27.46 -9.64 -0.65
C ASP B 74 -27.07 -9.97 0.79
N SER B 75 -26.16 -10.94 0.94
CA SER B 75 -25.71 -11.38 2.26
C SER B 75 -24.61 -10.47 2.83
N TYR B 76 -24.57 -10.38 4.17
CA TYR B 76 -23.53 -9.66 4.91
C TYR B 76 -23.57 -8.12 4.74
N THR B 77 -24.77 -7.57 4.58
CA THR B 77 -24.98 -6.13 4.52
CA THR B 77 -24.93 -6.12 4.51
C THR B 77 -24.74 -5.50 5.91
N PHE B 78 -24.70 -4.17 5.98
CA PHE B 78 -24.50 -3.47 7.26
C PHE B 78 -25.59 -3.85 8.28
N ALA B 79 -26.84 -3.79 7.84
CA ALA B 79 -27.98 -4.15 8.69
C ALA B 79 -27.83 -5.58 9.23
N GLU B 80 -27.37 -6.50 8.38
CA GLU B 80 -27.21 -7.88 8.82
C GLU B 80 -26.11 -8.05 9.88
N HIS B 81 -25.01 -7.31 9.69
CA HIS B 81 -23.93 -7.28 10.68
C HIS B 81 -24.44 -6.75 12.01
N CYS B 82 -25.24 -5.70 11.94
CA CYS B 82 -25.95 -5.15 13.10
C CYS B 82 -26.74 -6.22 13.85
N THR B 83 -27.60 -6.93 13.12
CA THR B 83 -28.45 -7.95 13.73
C THR B 83 -27.62 -8.91 14.59
N TYR B 84 -26.54 -9.43 14.02
CA TYR B 84 -25.74 -10.41 14.74
C TYR B 84 -24.88 -9.80 15.84
N LEU B 85 -24.22 -8.69 15.54
CA LEU B 85 -23.32 -8.05 16.51
C LEU B 85 -24.10 -7.47 17.70
N PHE B 86 -25.16 -6.71 17.41
CA PHE B 86 -26.00 -6.10 18.44
C PHE B 86 -26.56 -7.16 19.38
N ALA B 87 -27.08 -8.24 18.79
CA ALA B 87 -27.58 -9.37 19.55
C ALA B 87 -26.47 -10.01 20.36
N LEU B 88 -25.28 -10.14 19.77
CA LEU B 88 -24.14 -10.66 20.50
C LEU B 88 -23.86 -9.74 21.70
N LEU B 89 -23.80 -8.44 21.43
CA LEU B 89 -23.55 -7.43 22.46
C LEU B 89 -24.58 -7.51 23.59
N GLU B 90 -25.85 -7.70 23.21
CA GLU B 90 -26.94 -7.91 24.18
CA GLU B 90 -26.93 -7.90 24.19
C GLU B 90 -26.71 -9.13 25.05
N GLN B 91 -26.39 -10.26 24.42
CA GLN B 91 -26.18 -11.53 25.12
C GLN B 91 -24.98 -11.50 26.04
N LEU B 92 -24.00 -10.68 25.69
CA LEU B 92 -22.80 -10.54 26.48
C LEU B 92 -22.95 -9.49 27.58
N GLY B 93 -24.14 -8.92 27.69
CA GLY B 93 -24.45 -7.95 28.75
C GLY B 93 -23.78 -6.61 28.55
N VAL B 94 -23.62 -6.22 27.28
CA VAL B 94 -23.00 -4.94 26.91
C VAL B 94 -24.11 -3.91 26.72
N THR B 95 -24.43 -3.21 27.80
CA THR B 95 -25.64 -2.38 27.84
C THR B 95 -25.42 -1.05 28.57
N GLU B 96 -24.34 -0.95 29.34
CA GLU B 96 -24.06 0.29 30.09
C GLU B 96 -22.57 0.55 30.21
N ASN B 97 -22.22 1.84 30.38
CA ASN B 97 -20.85 2.24 30.64
C ASN B 97 -19.85 1.68 29.62
N VAL B 98 -20.26 1.64 28.36
CA VAL B 98 -19.50 1.03 27.28
C VAL B 98 -18.45 1.98 26.70
N THR B 99 -17.21 1.51 26.60
CA THR B 99 -16.18 2.22 25.85
C THR B 99 -16.03 1.48 24.54
N LEU B 100 -16.07 2.22 23.44
CA LEU B 100 -15.93 1.64 22.12
C LEU B 100 -14.56 2.02 21.54
N VAL B 101 -13.93 1.06 20.89
CA VAL B 101 -12.64 1.27 20.21
C VAL B 101 -12.85 0.71 18.79
N ILE B 102 -12.94 1.61 17.82
CA ILE B 102 -13.54 1.25 16.52
C ILE B 102 -12.76 1.71 15.28
N HIS B 103 -12.91 0.94 14.20
CA HIS B 103 -12.13 1.14 12.97
C HIS B 103 -12.90 0.70 11.76
N ASP B 104 -12.83 1.50 10.69
CA ASP B 104 -13.36 1.14 9.38
C ASP B 104 -14.84 0.76 9.53
N TRP B 105 -15.25 -0.43 9.10
CA TRP B 105 -16.65 -0.81 9.27
C TRP B 105 -17.03 -1.07 10.73
N GLY B 106 -16.03 -1.36 11.56
CA GLY B 106 -16.22 -1.45 13.00
C GLY B 106 -16.71 -0.13 13.55
N SER B 107 -16.26 0.96 12.95
CA SER B 107 -16.68 2.30 13.35
C SER B 107 -18.10 2.61 12.86
N GLY B 108 -18.45 2.14 11.66
CA GLY B 108 -19.84 2.26 11.20
C GLY B 108 -20.79 1.59 12.17
N LEU B 109 -20.44 0.37 12.58
CA LEU B 109 -21.20 -0.43 13.50
C LEU B 109 -21.19 0.18 14.90
N GLY B 110 -20.01 0.61 15.36
CA GLY B 110 -19.87 1.21 16.68
C GLY B 110 -20.54 2.56 16.83
N PHE B 111 -20.37 3.45 15.86
CA PHE B 111 -20.96 4.80 15.90
C PHE B 111 -22.49 4.66 15.89
N HIS B 112 -22.99 3.80 15.01
CA HIS B 112 -24.44 3.55 14.91
C HIS B 112 -25.02 3.01 16.21
N TRP B 113 -24.32 2.04 16.81
CA TRP B 113 -24.69 1.50 18.11
C TRP B 113 -24.72 2.58 19.19
N ALA B 114 -23.65 3.37 19.30
CA ALA B 114 -23.60 4.46 20.28
C ALA B 114 -24.74 5.46 20.05
N HIS B 115 -24.98 5.81 18.79
CA HIS B 115 -26.06 6.74 18.45
C HIS B 115 -27.42 6.21 18.91
N THR B 116 -27.63 4.90 18.80
CA THR B 116 -28.91 4.28 19.18
C THR B 116 -28.93 3.72 20.60
N HIS B 117 -27.81 3.87 21.31
CA HIS B 117 -27.73 3.56 22.74
C HIS B 117 -26.94 4.69 23.42
N SER B 118 -27.33 5.93 23.10
CA SER B 118 -26.55 7.12 23.51
C SER B 118 -26.34 7.26 25.00
N ASP B 119 -27.25 6.67 25.80
CA ASP B 119 -27.12 6.69 27.26
C ASP B 119 -26.23 5.57 27.81
N ALA B 120 -25.82 4.63 26.95
CA ALA B 120 -25.05 3.46 27.39
C ALA B 120 -23.53 3.61 27.16
N VAL B 121 -23.10 4.78 26.70
CA VAL B 121 -21.72 4.94 26.21
C VAL B 121 -20.87 5.86 27.07
N LYS B 122 -19.73 5.34 27.52
CA LYS B 122 -18.77 6.05 28.34
C LYS B 122 -17.81 6.91 27.49
N GLY B 123 -17.48 6.42 26.29
CA GLY B 123 -16.52 7.11 25.43
C GLY B 123 -16.35 6.37 24.13
N ILE B 124 -15.90 7.09 23.10
CA ILE B 124 -15.69 6.47 21.80
C ILE B 124 -14.28 6.81 21.32
N ALA B 125 -13.47 5.76 21.12
CA ALA B 125 -12.14 5.93 20.50
C ALA B 125 -12.25 5.38 19.10
N PHE B 126 -11.83 6.18 18.11
CA PHE B 126 -11.98 5.79 16.71
C PHE B 126 -10.75 6.16 15.89
N MET B 127 -10.58 5.44 14.78
CA MET B 127 -9.45 5.63 13.91
C MET B 127 -9.83 5.19 12.51
N GLU B 128 -9.39 5.95 11.52
CA GLU B 128 -9.54 5.58 10.10
C GLU B 128 -10.96 5.03 9.90
N ALA B 129 -11.90 5.90 10.27
CA ALA B 129 -13.27 5.52 10.57
C ALA B 129 -14.21 6.14 9.55
N ILE B 130 -15.45 5.65 9.54
CA ILE B 130 -16.52 6.19 8.67
C ILE B 130 -17.16 7.38 9.36
N VAL B 131 -16.76 8.57 8.95
CA VAL B 131 -17.10 9.81 9.67
C VAL B 131 -17.83 10.78 8.78
N GLU B 132 -18.25 10.29 7.61
CA GLU B 132 -18.93 11.09 6.60
C GLU B 132 -19.57 10.15 5.60
N THR B 133 -20.58 10.65 4.89
CA THR B 133 -21.04 9.99 3.68
C THR B 133 -20.41 10.79 2.56
N ARG B 134 -20.32 10.19 1.37
CA ARG B 134 -19.68 10.88 0.25
C ARG B 134 -20.66 11.18 -0.87
N GLU B 135 -20.69 12.46 -1.25
CA GLU B 135 -21.58 12.97 -2.29
CA GLU B 135 -21.58 12.95 -2.30
C GLU B 135 -21.02 12.64 -3.68
N SER B 136 -19.70 12.55 -3.76
CA SER B 136 -19.00 12.26 -5.00
C SER B 136 -17.80 11.34 -4.74
N TRP B 137 -17.35 10.69 -5.79
CA TRP B 137 -16.13 9.90 -5.74
C TRP B 137 -14.88 10.79 -5.61
N ASP B 138 -15.03 12.08 -5.93
CA ASP B 138 -13.94 13.05 -5.89
CA ASP B 138 -13.90 13.02 -5.91
C ASP B 138 -13.28 13.18 -4.52
N ALA B 139 -14.01 12.79 -3.49
CA ALA B 139 -13.52 12.88 -2.11
C ALA B 139 -13.05 11.51 -1.61
N PHE B 140 -13.11 10.50 -2.47
CA PHE B 140 -12.66 9.15 -2.13
C PHE B 140 -11.17 9.02 -2.44
N PRO B 141 -10.40 8.46 -1.47
CA PRO B 141 -8.95 8.34 -1.65
C PRO B 141 -8.59 7.68 -2.98
N GLU B 142 -7.77 8.39 -3.76
CA GLU B 142 -7.23 7.89 -5.02
C GLU B 142 -6.52 6.54 -4.87
N ARG B 143 -5.93 6.29 -3.70
CA ARG B 143 -5.33 5.01 -3.38
C ARG B 143 -6.21 3.80 -3.73
N ALA B 144 -7.53 3.91 -3.54
CA ALA B 144 -8.41 2.75 -3.71
C ALA B 144 -9.63 3.00 -4.59
N ARG B 145 -9.72 4.19 -5.17
CA ARG B 145 -10.91 4.61 -5.92
C ARG B 145 -11.31 3.65 -7.05
N GLU B 146 -10.38 3.40 -7.97
CA GLU B 146 -10.61 2.53 -9.11
C GLU B 146 -10.98 1.13 -8.67
N MET B 147 -10.25 0.61 -7.69
CA MET B 147 -10.50 -0.71 -7.12
C MET B 147 -11.91 -0.79 -6.53
N PHE B 148 -12.28 0.23 -5.75
CA PHE B 148 -13.61 0.31 -5.13
C PHE B 148 -14.76 0.42 -6.14
N GLN B 149 -14.61 1.29 -7.14
CA GLN B 149 -15.58 1.41 -8.24
C GLN B 149 -15.76 0.07 -8.98
N ALA B 150 -14.65 -0.57 -9.31
CA ALA B 150 -14.69 -1.90 -9.93
C ALA B 150 -15.42 -2.91 -9.04
N LEU B 151 -15.22 -2.80 -7.73
CA LEU B 151 -15.96 -3.64 -6.78
C LEU B 151 -17.45 -3.30 -6.78
N ARG B 152 -17.79 -2.04 -7.07
CA ARG B 152 -19.18 -1.56 -7.20
C ARG B 152 -19.74 -1.86 -8.60
N SER B 153 -19.23 -2.91 -9.22
CA SER B 153 -19.71 -3.35 -10.52
C SER B 153 -19.77 -4.88 -10.51
N PRO B 154 -20.32 -5.51 -11.57
CA PRO B 154 -20.40 -6.98 -11.63
C PRO B 154 -19.03 -7.68 -11.54
N ALA B 155 -17.96 -6.94 -11.83
CA ALA B 155 -16.58 -7.46 -11.74
C ALA B 155 -16.18 -7.85 -10.32
N GLY B 156 -16.87 -7.30 -9.33
CA GLY B 156 -16.55 -7.50 -7.93
C GLY B 156 -16.51 -8.96 -7.53
N GLU B 157 -17.49 -9.73 -8.01
CA GLU B 157 -17.58 -11.16 -7.70
C GLU B 157 -16.32 -11.93 -8.12
N GLU B 158 -15.80 -11.60 -9.30
CA GLU B 158 -14.58 -12.20 -9.83
C GLU B 158 -13.38 -11.80 -8.98
N MET B 159 -13.19 -10.49 -8.82
CA MET B 159 -12.14 -9.90 -7.98
C MET B 159 -12.10 -10.51 -6.58
N VAL B 160 -13.26 -10.57 -5.92
CA VAL B 160 -13.32 -11.02 -4.54
C VAL B 160 -13.56 -12.52 -4.36
N LEU B 161 -14.65 -13.05 -4.91
CA LEU B 161 -15.00 -14.46 -4.65
C LEU B 161 -13.95 -15.41 -5.25
N GLU B 162 -13.45 -15.06 -6.42
CA GLU B 162 -12.44 -15.89 -7.09
C GLU B 162 -11.00 -15.52 -6.73
N LYS B 163 -10.67 -14.23 -6.84
CA LYS B 163 -9.27 -13.80 -6.74
C LYS B 163 -8.83 -13.25 -5.37
N ASN B 164 -9.81 -13.03 -4.47
CA ASN B 164 -9.57 -12.50 -3.12
C ASN B 164 -8.80 -11.16 -3.10
N LEU B 165 -9.18 -10.25 -3.99
CA LEU B 165 -8.43 -9.02 -4.21
C LEU B 165 -8.49 -8.00 -3.08
N PHE B 166 -9.56 -8.00 -2.29
CA PHE B 166 -9.58 -7.11 -1.12
C PHE B 166 -8.47 -7.49 -0.14
N VAL B 167 -8.40 -8.77 0.21
CA VAL B 167 -7.37 -9.29 1.12
C VAL B 167 -5.97 -9.15 0.52
N GLU B 168 -5.82 -9.60 -0.73
CA GLU B 168 -4.49 -9.71 -1.33
C GLU B 168 -3.90 -8.38 -1.85
N ALA B 169 -4.75 -7.47 -2.31
CA ALA B 169 -4.27 -6.20 -2.86
C ALA B 169 -4.44 -5.05 -1.89
N LEU B 170 -5.61 -4.94 -1.26
CA LEU B 170 -5.93 -3.72 -0.50
C LEU B 170 -5.37 -3.69 0.93
N VAL B 171 -5.28 -4.85 1.58
CA VAL B 171 -4.65 -4.93 2.89
C VAL B 171 -3.18 -4.47 2.88
N PRO B 172 -2.30 -5.16 2.10
CA PRO B 172 -0.89 -4.77 2.23
C PRO B 172 -0.58 -3.36 1.74
N GLY B 173 -1.31 -2.87 0.74
CA GLY B 173 -1.16 -1.50 0.24
C GLY B 173 -1.48 -0.41 1.26
N SER B 174 -2.16 -0.78 2.34
CA SER B 174 -2.50 0.22 3.37
C SER B 174 -1.94 -0.10 4.75
N ILE B 175 -0.76 -0.75 4.78
CA ILE B 175 0.03 -0.97 5.98
C ILE B 175 1.43 -0.46 5.61
N LEU B 176 2.06 0.27 6.53
CA LEU B 176 3.40 0.83 6.27
C LEU B 176 4.48 -0.25 6.20
N ARG B 177 4.46 -1.15 7.19
CA ARG B 177 5.44 -2.23 7.27
C ARG B 177 5.04 -3.40 6.37
N ASP B 178 5.90 -4.40 6.31
CA ASP B 178 5.51 -5.71 5.80
C ASP B 178 4.91 -6.51 6.96
N LEU B 179 3.75 -7.11 6.73
CA LEU B 179 3.25 -8.15 7.63
C LEU B 179 4.15 -9.38 7.51
N THR B 180 4.21 -10.18 8.57
CA THR B 180 4.85 -11.49 8.47
C THR B 180 3.89 -12.41 7.70
N GLU B 181 4.43 -13.50 7.15
CA GLU B 181 3.61 -14.47 6.43
CA GLU B 181 3.59 -14.46 6.43
C GLU B 181 2.53 -15.03 7.37
N GLU B 182 2.91 -15.23 8.64
CA GLU B 182 2.02 -15.71 9.69
C GLU B 182 0.81 -14.81 9.89
N GLU B 183 1.06 -13.50 9.91
CA GLU B 183 -0.01 -12.53 10.12
C GLU B 183 -0.91 -12.47 8.90
N MET B 184 -0.31 -12.38 7.72
CA MET B 184 -1.09 -12.32 6.50
C MET B 184 -1.92 -13.59 6.31
N ASN B 185 -1.39 -14.72 6.79
CA ASN B 185 -2.07 -16.01 6.73
C ASN B 185 -3.33 -16.03 7.59
N GLU B 186 -3.23 -15.46 8.78
CA GLU B 186 -4.41 -15.35 9.66
C GLU B 186 -5.49 -14.46 9.03
N TYR B 187 -5.09 -13.39 8.34
CA TYR B 187 -6.05 -12.59 7.58
C TYR B 187 -6.63 -13.32 6.37
N ARG B 188 -5.84 -14.22 5.78
CA ARG B 188 -6.33 -15.04 4.67
C ARG B 188 -7.27 -16.12 5.17
N ARG B 189 -6.99 -16.65 6.36
CA ARG B 189 -7.62 -17.89 6.85
C ARG B 189 -9.15 -17.96 6.78
N PRO B 190 -9.87 -16.91 7.25
CA PRO B 190 -11.33 -16.98 7.13
C PRO B 190 -11.80 -16.92 5.69
N PHE B 191 -10.89 -16.62 4.75
CA PHE B 191 -11.29 -16.38 3.37
C PHE B 191 -10.51 -17.21 2.35
N ALA B 192 -9.85 -18.27 2.83
CA ALA B 192 -8.99 -19.09 1.95
C ALA B 192 -9.79 -19.80 0.87
N ASN B 193 -11.01 -20.21 1.22
CA ASN B 193 -11.91 -20.90 0.30
C ASN B 193 -12.52 -19.94 -0.72
N ALA B 194 -12.25 -20.21 -2.00
CA ALA B 194 -12.84 -19.44 -3.07
C ALA B 194 -14.35 -19.63 -3.07
N GLY B 195 -15.08 -18.63 -3.54
CA GLY B 195 -16.53 -18.68 -3.49
C GLY B 195 -17.07 -17.87 -2.32
N GLU B 196 -18.23 -18.28 -1.82
CA GLU B 196 -19.03 -17.46 -0.89
C GLU B 196 -18.39 -17.13 0.46
N ASP B 197 -17.39 -17.89 0.86
CA ASP B 197 -16.68 -17.59 2.11
C ASP B 197 -16.12 -16.16 2.15
N ARG B 198 -15.81 -15.63 0.96
CA ARG B 198 -15.18 -14.33 0.80
C ARG B 198 -16.20 -13.21 0.60
N ARG B 199 -17.49 -13.56 0.66
CA ARG B 199 -18.58 -12.60 0.46
C ARG B 199 -18.57 -11.37 1.41
N PRO B 200 -18.28 -11.58 2.72
CA PRO B 200 -18.21 -10.38 3.57
C PRO B 200 -17.29 -9.26 3.01
N THR B 201 -16.19 -9.66 2.37
CA THR B 201 -15.19 -8.68 1.91
C THR B 201 -15.60 -7.95 0.63
N LEU B 202 -16.67 -8.41 -0.01
CA LEU B 202 -17.19 -7.74 -1.21
C LEU B 202 -18.40 -6.87 -0.90
N THR B 203 -19.28 -7.35 -0.02
CA THR B 203 -20.46 -6.61 0.37
C THR B 203 -20.05 -5.31 1.08
N PHE B 204 -19.06 -5.41 1.96
CA PHE B 204 -18.59 -4.22 2.68
C PHE B 204 -18.27 -3.05 1.74
N PRO B 205 -17.35 -3.23 0.75
CA PRO B 205 -17.14 -2.10 -0.18
C PRO B 205 -18.41 -1.64 -0.92
N ARG B 206 -19.38 -2.54 -1.09
CA ARG B 206 -20.64 -2.19 -1.75
C ARG B 206 -21.59 -1.44 -0.82
N GLN B 207 -21.32 -1.52 0.48
CA GLN B 207 -22.16 -0.87 1.49
CA GLN B 207 -22.15 -0.87 1.49
C GLN B 207 -21.68 0.54 1.84
N VAL B 208 -20.47 0.88 1.39
CA VAL B 208 -19.87 2.20 1.65
C VAL B 208 -20.79 3.28 1.06
N PRO B 209 -21.29 4.21 1.91
CA PRO B 209 -22.27 5.21 1.46
C PRO B 209 -21.69 6.24 0.51
N ILE B 210 -21.88 6.03 -0.79
CA ILE B 210 -21.42 6.97 -1.82
C ILE B 210 -22.58 7.30 -2.73
N GLU B 211 -22.73 8.59 -3.06
CA GLU B 211 -23.80 9.12 -3.92
C GLU B 211 -25.21 8.56 -3.58
N GLY B 212 -25.53 8.53 -2.29
CA GLY B 212 -26.85 8.09 -1.84
C GLY B 212 -26.99 6.59 -1.72
N GLN B 213 -25.98 5.85 -2.16
CA GLN B 213 -26.06 4.40 -2.25
C GLN B 213 -25.08 3.70 -1.29
N PRO B 214 -25.57 2.78 -0.45
CA PRO B 214 -26.97 2.39 -0.28
C PRO B 214 -27.72 3.44 0.54
N LYS B 215 -29.04 3.51 0.33
CA LYS B 215 -29.91 4.48 1.01
C LYS B 215 -29.94 4.30 2.52
N ASP B 216 -30.06 3.05 2.99
CA ASP B 216 -30.15 2.77 4.42
C ASP B 216 -28.86 3.17 5.15
N VAL B 217 -27.72 2.78 4.60
CA VAL B 217 -26.42 3.12 5.17
C VAL B 217 -26.17 4.63 5.11
N THR B 218 -26.47 5.27 3.99
CA THR B 218 -26.26 6.71 3.85
C THR B 218 -27.01 7.48 4.94
N GLU B 219 -28.29 7.18 5.12
CA GLU B 219 -29.11 7.83 6.14
C GLU B 219 -28.58 7.58 7.55
N LEU B 220 -28.25 6.32 7.81
CA LEU B 220 -27.71 5.83 9.07
C LEU B 220 -26.42 6.57 9.49
N VAL B 221 -25.49 6.74 8.56
CA VAL B 221 -24.22 7.43 8.82
C VAL B 221 -24.48 8.93 9.00
N ASP B 222 -25.25 9.52 8.09
CA ASP B 222 -25.64 10.92 8.19
C ASP B 222 -26.26 11.25 9.56
N ALA B 223 -27.10 10.35 10.06
CA ALA B 223 -27.71 10.52 11.38
C ALA B 223 -26.65 10.52 12.48
N TYR B 224 -25.75 9.53 12.49
CA TYR B 224 -24.76 9.46 13.59
C TYR B 224 -23.70 10.56 13.55
N VAL B 225 -23.34 11.01 12.34
CA VAL B 225 -22.39 12.09 12.17
C VAL B 225 -22.94 13.41 12.71
N ASP B 226 -24.23 13.67 12.46
CA ASP B 226 -24.89 14.85 12.99
C ASP B 226 -24.85 14.84 14.52
N TRP B 227 -25.14 13.67 15.09
CA TRP B 227 -25.15 13.46 16.53
C TRP B 227 -23.75 13.56 17.15
N LEU B 228 -22.75 12.91 16.53
CA LEU B 228 -21.36 13.08 16.98
C LEU B 228 -20.92 14.54 17.07
N GLY B 229 -21.45 15.37 16.17
CA GLY B 229 -21.16 16.80 16.19
C GLY B 229 -21.71 17.55 17.40
N GLN B 230 -22.62 16.93 18.13
CA GLN B 230 -23.29 17.61 19.27
C GLN B 230 -23.09 16.94 20.62
N THR B 231 -23.01 15.61 20.63
CA THR B 231 -22.90 14.87 21.89
C THR B 231 -21.64 15.17 22.71
N SER B 232 -21.83 15.26 24.02
CA SER B 232 -20.74 15.53 24.95
C SER B 232 -19.96 14.26 25.31
N ILE B 233 -20.37 13.10 24.79
CA ILE B 233 -19.64 11.85 25.09
C ILE B 233 -18.19 12.04 24.67
N PRO B 234 -17.24 11.70 25.56
CA PRO B 234 -15.82 11.84 25.28
C PRO B 234 -15.38 11.05 24.05
N LYS B 235 -14.51 11.65 23.25
CA LYS B 235 -14.11 11.05 21.98
C LYS B 235 -12.61 11.10 21.92
N LEU B 236 -11.99 9.99 21.52
CA LEU B 236 -10.57 9.94 21.25
C LEU B 236 -10.38 9.68 19.75
N PHE B 237 -9.85 10.69 19.06
CA PHE B 237 -9.54 10.60 17.64
C PHE B 237 -8.09 10.17 17.52
N ILE B 238 -7.89 8.93 17.04
CA ILE B 238 -6.55 8.46 16.76
CA ILE B 238 -6.57 8.41 16.74
C ILE B 238 -6.31 8.76 15.28
N ASN B 239 -5.63 9.87 15.05
CA ASN B 239 -5.31 10.32 13.71
C ASN B 239 -4.14 9.54 13.14
N ALA B 240 -4.14 9.27 11.84
CA ALA B 240 -3.01 8.57 11.24
C ALA B 240 -2.19 9.45 10.33
N ASP B 241 -0.88 9.21 10.34
CA ASP B 241 0.05 9.90 9.46
C ASP B 241 0.76 8.86 8.59
N PRO B 242 0.53 8.87 7.27
CA PRO B 242 -0.27 9.85 6.52
C PRO B 242 -1.78 9.66 6.58
N GLY B 243 -2.26 8.48 6.99
CA GLY B 243 -3.70 8.19 6.98
C GLY B 243 -4.17 7.86 5.56
N VAL B 244 -5.43 7.49 5.42
CA VAL B 244 -6.02 7.21 4.11
C VAL B 244 -7.45 7.76 4.10
N LEU B 245 -8.30 7.26 5.00
CA LEU B 245 -9.72 7.68 5.04
C LEU B 245 -9.95 9.05 5.67
N ILE B 246 -9.27 9.30 6.78
CA ILE B 246 -9.36 10.59 7.45
C ILE B 246 -8.10 11.42 7.22
N THR B 247 -8.14 12.22 6.14
CA THR B 247 -7.06 13.12 5.78
C THR B 247 -7.71 14.39 5.30
N GLY B 248 -6.89 15.40 5.03
CA GLY B 248 -7.33 16.68 4.49
C GLY B 248 -8.48 17.26 5.28
N GLU B 249 -9.55 17.63 4.54
CA GLU B 249 -10.70 18.35 5.10
C GLU B 249 -11.54 17.57 6.11
N VAL B 250 -11.59 16.25 5.93
CA VAL B 250 -12.31 15.36 6.86
C VAL B 250 -11.80 15.56 8.29
N ARG B 251 -10.48 15.62 8.41
CA ARG B 251 -9.79 15.84 9.68
C ARG B 251 -10.30 17.10 10.39
N ASP B 252 -10.47 18.18 9.64
CA ASP B 252 -10.94 19.45 10.17
C ASP B 252 -12.34 19.29 10.76
N ARG B 253 -13.18 18.57 10.05
CA ARG B 253 -14.55 18.34 10.50
C ARG B 253 -14.60 17.48 11.77
N VAL B 254 -13.86 16.37 11.78
CA VAL B 254 -13.72 15.53 12.98
C VAL B 254 -13.25 16.35 14.18
N ARG B 255 -12.27 17.23 13.96
CA ARG B 255 -11.68 18.03 15.04
C ARG B 255 -12.63 19.07 15.64
N SER B 256 -13.74 19.34 14.95
CA SER B 256 -14.77 20.25 15.48
C SER B 256 -15.70 19.57 16.49
N TRP B 257 -15.64 18.24 16.59
CA TRP B 257 -16.51 17.52 17.51
C TRP B 257 -16.23 17.79 18.99
N PRO B 258 -17.28 17.81 19.82
CA PRO B 258 -17.10 18.16 21.23
C PRO B 258 -16.35 17.13 22.05
N ASN B 259 -15.63 17.60 23.07
CA ASN B 259 -14.94 16.74 24.02
CA ASN B 259 -14.99 16.73 24.04
C ASN B 259 -14.06 15.71 23.35
N LEU B 260 -13.25 16.21 22.43
CA LEU B 260 -12.40 15.37 21.60
C LEU B 260 -10.93 15.52 21.95
N THR B 261 -10.32 14.39 22.22
CA THR B 261 -8.90 14.22 22.47
CA THR B 261 -8.89 14.35 22.40
C THR B 261 -8.31 13.65 21.19
N GLU B 262 -7.12 14.09 20.80
CA GLU B 262 -6.53 13.59 19.58
C GLU B 262 -5.09 13.17 19.81
N VAL B 263 -4.71 12.02 19.27
CA VAL B 263 -3.31 11.58 19.22
CA VAL B 263 -3.31 11.63 19.19
C VAL B 263 -3.04 11.17 17.78
N THR B 264 -1.85 11.47 17.27
CA THR B 264 -1.48 11.03 15.92
C THR B 264 -0.47 9.89 16.02
N VAL B 265 -0.71 8.83 15.24
CA VAL B 265 0.21 7.69 15.17
C VAL B 265 0.58 7.45 13.71
N ALA B 266 1.70 6.74 13.45
CA ALA B 266 2.07 6.45 12.07
C ALA B 266 1.15 5.37 11.54
N GLY B 267 0.71 5.53 10.31
CA GLY B 267 -0.07 4.50 9.66
C GLY B 267 -0.80 5.00 8.42
N LEU B 268 -1.28 4.04 7.65
CA LEU B 268 -2.08 4.33 6.47
C LEU B 268 -3.52 4.06 6.86
N HIS B 269 -4.05 2.88 6.53
CA HIS B 269 -5.42 2.54 6.95
C HIS B 269 -5.50 1.52 8.08
N PHE B 270 -4.82 0.38 7.92
CA PHE B 270 -4.79 -0.67 8.96
C PHE B 270 -3.74 -0.38 10.00
N ILE B 271 -3.93 0.75 10.67
CA ILE B 271 -2.93 1.38 11.51
C ILE B 271 -2.56 0.56 12.76
N GLN B 272 -3.45 -0.36 13.14
CA GLN B 272 -3.18 -1.30 14.23
C GLN B 272 -1.94 -2.15 13.98
N GLU B 273 -1.63 -2.37 12.72
CA GLU B 273 -0.45 -3.17 12.37
C GLU B 273 0.84 -2.37 12.36
N ASP B 274 0.71 -1.03 12.34
CA ASP B 274 1.88 -0.16 12.32
C ASP B 274 2.22 0.44 13.66
N SER B 275 1.20 0.83 14.42
CA SER B 275 1.41 1.53 15.68
C SER B 275 0.57 0.97 16.82
N PRO B 276 0.59 -0.38 17.02
CA PRO B 276 -0.34 -0.88 18.04
C PRO B 276 -0.08 -0.37 19.45
N ASP B 277 1.19 -0.18 19.83
CA ASP B 277 1.48 0.24 21.20
C ASP B 277 1.13 1.71 21.44
N GLU B 278 1.39 2.54 20.45
CA GLU B 278 1.02 3.96 20.54
C GLU B 278 -0.51 4.11 20.63
N ILE B 279 -1.23 3.31 19.85
CA ILE B 279 -2.69 3.28 19.89
C ILE B 279 -3.15 2.80 21.25
N GLY B 280 -2.61 1.67 21.72
CA GLY B 280 -3.08 1.12 22.98
C GLY B 280 -2.82 2.04 24.15
N ALA B 281 -1.63 2.64 24.18
CA ALA B 281 -1.23 3.59 25.23
C ALA B 281 -2.14 4.80 25.24
N ALA B 282 -2.44 5.31 24.05
CA ALA B 282 -3.34 6.45 23.89
C ALA B 282 -4.74 6.11 24.41
N VAL B 283 -5.26 4.95 24.03
CA VAL B 283 -6.59 4.54 24.46
C VAL B 283 -6.59 4.34 25.98
N ARG B 284 -5.57 3.68 26.52
CA ARG B 284 -5.50 3.47 27.97
C ARG B 284 -5.47 4.79 28.75
N ASP B 285 -4.65 5.73 28.29
CA ASP B 285 -4.46 6.99 29.01
C ASP B 285 -5.75 7.82 29.01
N TRP B 286 -6.37 7.88 27.85
CA TRP B 286 -7.66 8.57 27.68
C TRP B 286 -8.76 7.92 28.50
N HIS B 287 -8.84 6.59 28.44
CA HIS B 287 -9.86 5.85 29.18
C HIS B 287 -9.73 6.11 30.67
N ALA B 288 -8.49 6.19 31.14
CA ALA B 288 -8.23 6.38 32.56
C ALA B 288 -8.88 7.67 33.10
N SER B 289 -9.07 8.65 32.23
CA SER B 289 -9.57 9.98 32.60
CA SER B 289 -9.58 9.96 32.64
C SER B 289 -11.10 10.09 32.53
N LEU B 290 -11.77 9.03 32.07
CA LEU B 290 -13.22 9.05 31.86
C LEU B 290 -13.99 8.84 33.16
CL CL C . 8.74 -5.33 -11.33
CL CL D . -14.81 -1.71 2.70
#